data_5QQ5
#
_entry.id   5QQ5
#
_cell.length_a   57.855
_cell.length_b   57.855
_cell.length_c   395.188
_cell.angle_alpha   90.000
_cell.angle_beta   90.000
_cell.angle_gamma   120.000
#
_symmetry.space_group_name_H-M   'P 61 2 2'
#
loop_
_entity.id
_entity.type
_entity.pdbx_description
1 polymer 'Farnesyl diphosphate synthase'
2 non-polymer 'SULFATE ION'
3 non-polymer 'ACETATE ION'
4 non-polymer 'ZINC ION'
5 non-polymer 1-methyl-N-(3-methylphenyl)-1H-pyrazolo[3,4-d]pyrimidin-4-amine
6 water water
#
_entity_poly.entity_id   1
_entity_poly.type   'polypeptide(L)'
_entity_poly.pdbx_seq_one_letter_code
;GPMASMERFLSVYDEVQAFLLDQLQSKYEIDPNRARYLRIMMDTTCLGGKYFRGMTVVNVAEGFLAVTQHDEATKERILH
DACVGGWMIEFLQAHYLVEDDIMDGSVMRRGKPCWYRFPGVTTQCAINDGIILKSWTQIMAWHYFADRPFLKDLLCLFQK
VDYATAVGQMYDVTSMCDSNKLDPEVAQPMTTDFAEFTPAIYKRIVKYKTTFYTYLLPLVMGLLVSEAAASVEMNLVERV
AHLIGEYFQVQDDVMDCFTPPEQLGKVGTDIEDAKCSWLAVTFLGKANAAQVAEFKANYGEKDPAKVAVVKRLYSKANLQ
ADFAAYEAEVVREVESLIEQLKVKSPTFAESVAVVWEKTHKRKK
;
_entity_poly.pdbx_strand_id   A
#
# COMPACT_ATOMS: atom_id res chain seq x y z
N MET A 3 -4.92 22.93 -16.14
CA MET A 3 -3.60 22.57 -15.44
C MET A 3 -3.45 21.00 -15.25
N ALA A 4 -2.28 20.45 -15.64
CA ALA A 4 -2.08 18.96 -15.59
C ALA A 4 -2.11 18.45 -14.12
N SER A 5 -2.72 17.27 -13.97
CA SER A 5 -2.99 16.72 -12.67
C SER A 5 -1.77 16.51 -11.81
N MET A 6 -0.73 15.90 -12.36
CA MET A 6 0.50 15.64 -11.61
C MET A 6 1.14 16.93 -11.10
N GLU A 7 1.22 17.97 -11.92
CA GLU A 7 1.86 19.20 -11.46
C GLU A 7 1.00 19.83 -10.40
N ARG A 8 -0.33 19.69 -10.52
CA ARG A 8 -1.22 20.27 -9.49
C ARG A 8 -0.92 19.53 -8.18
N PHE A 9 -0.79 18.21 -8.28
CA PHE A 9 -0.60 17.38 -7.10
C PHE A 9 0.71 17.71 -6.38
N LEU A 10 1.79 17.78 -7.17
CA LEU A 10 3.08 18.19 -6.61
C LEU A 10 3.10 19.62 -6.11
N SER A 11 2.39 20.56 -6.76
CA SER A 11 2.29 21.86 -6.18
C SER A 11 1.66 21.89 -4.84
N VAL A 12 0.61 21.07 -4.67
CA VAL A 12 -0.05 20.98 -3.43
C VAL A 12 0.86 20.36 -2.36
N TYR A 13 1.74 19.44 -2.72
CA TYR A 13 2.69 18.98 -1.70
C TYR A 13 3.46 20.20 -1.10
N ASP A 14 4.05 21.04 -1.96
CA ASP A 14 4.77 22.19 -1.45
C ASP A 14 3.92 23.07 -0.55
N GLU A 15 2.68 23.22 -0.91
CA GLU A 15 1.73 24.02 -0.13
C GLU A 15 1.44 23.45 1.29
N VAL A 16 1.23 22.16 1.29
CA VAL A 16 0.93 21.44 2.50
C VAL A 16 2.18 21.35 3.40
N GLN A 17 3.32 21.06 2.79
CA GLN A 17 4.61 21.18 3.51
C GLN A 17 4.81 22.51 4.21
N ALA A 18 4.61 23.61 3.47
CA ALA A 18 4.82 24.95 4.00
C ALA A 18 3.89 25.22 5.13
N PHE A 19 2.62 24.91 4.93
CA PHE A 19 1.63 24.92 5.98
C PHE A 19 2.02 24.16 7.28
N LEU A 20 2.45 22.92 7.15
CA LEU A 20 2.77 22.12 8.33
C LEU A 20 4.03 22.75 9.02
N LEU A 21 5.02 23.15 8.27
CA LEU A 21 6.24 23.66 8.93
C LEU A 21 6.01 25.04 9.53
N ASP A 22 5.15 25.84 8.87
CA ASP A 22 4.81 27.18 9.35
C ASP A 22 3.99 27.10 10.65
N GLN A 23 3.11 26.11 10.73
CA GLN A 23 2.33 25.81 11.92
C GLN A 23 3.28 25.30 13.05
N LEU A 24 4.30 24.47 12.73
CA LEU A 24 5.22 24.09 13.78
C LEU A 24 5.92 25.29 14.38
N GLN A 25 6.24 26.25 13.54
CA GLN A 25 6.91 27.47 14.07
C GLN A 25 5.97 28.38 14.89
N SER A 26 4.75 28.57 14.43
CA SER A 26 3.85 29.50 15.03
C SER A 26 3.13 28.95 16.18
N LYS A 27 2.86 27.65 16.26
CA LYS A 27 2.11 27.05 17.35
C LYS A 27 2.81 25.99 18.20
N TYR A 28 3.92 25.44 17.70
CA TYR A 28 4.58 24.34 18.38
C TYR A 28 5.99 24.67 18.84
N GLU A 29 6.33 25.93 18.73
CA GLU A 29 7.60 26.47 19.21
C GLU A 29 8.86 25.85 18.55
N ILE A 30 8.77 25.41 17.29
CA ILE A 30 9.88 24.73 16.66
C ILE A 30 10.94 25.76 16.30
N ASP A 31 12.18 25.31 16.31
CA ASP A 31 13.31 26.08 15.88
C ASP A 31 13.68 25.66 14.46
N PRO A 32 14.45 26.53 13.76
CA PRO A 32 14.72 26.29 12.34
C PRO A 32 15.43 25.04 11.98
N ASN A 33 16.31 24.56 12.84
CA ASN A 33 17.07 23.41 12.53
C ASN A 33 16.18 22.14 12.63
N ARG A 34 15.27 22.14 13.62
CA ARG A 34 14.34 20.99 13.70
C ARG A 34 13.31 21.02 12.59
N ALA A 35 12.92 22.22 12.16
CA ALA A 35 12.00 22.34 11.05
C ALA A 35 12.64 21.82 9.80
N ARG A 36 13.91 22.15 9.65
CA ARG A 36 14.72 21.61 8.56
C ARG A 36 14.77 20.06 8.58
N TYR A 37 15.08 19.49 9.74
CA TYR A 37 15.09 18.04 9.80
C TYR A 37 13.75 17.47 9.38
N LEU A 38 12.64 18.02 9.86
CA LEU A 38 11.31 17.50 9.48
C LEU A 38 10.96 17.69 8.01
N ARG A 39 11.42 18.78 7.45
CA ARG A 39 11.29 19.02 6.02
C ARG A 39 12.00 17.93 5.21
N ILE A 40 13.23 17.62 5.61
CA ILE A 40 14.01 16.62 4.92
C ILE A 40 13.42 15.21 5.15
N MET A 41 12.93 14.98 6.36
CA MET A 41 12.25 13.68 6.64
C MET A 41 11.00 13.51 5.74
N MET A 42 10.26 14.58 5.59
CA MET A 42 9.00 14.53 4.89
C MET A 42 9.34 14.25 3.42
N ASP A 43 10.28 15.01 2.85
CA ASP A 43 10.68 14.81 1.47
C ASP A 43 11.26 13.43 1.20
N THR A 44 12.07 12.94 2.12
CA THR A 44 12.72 11.67 1.90
C THR A 44 11.73 10.49 2.00
N THR A 45 10.74 10.58 2.85
CA THR A 45 9.83 9.53 3.10
C THR A 45 8.55 9.64 2.24
N CYS A 46 8.21 10.81 1.72
CA CYS A 46 6.94 10.98 0.95
C CYS A 46 7.10 11.15 -0.55
N LEU A 47 8.29 11.55 -1.00
CA LEU A 47 8.55 11.80 -2.37
C LEU A 47 9.42 10.72 -3.01
N GLY A 48 9.28 10.65 -4.31
CA GLY A 48 10.04 9.79 -5.15
C GLY A 48 9.37 8.53 -5.68
N GLY A 49 8.19 8.18 -5.23
CA GLY A 49 7.45 7.06 -5.83
C GLY A 49 6.64 7.59 -7.03
N LYS A 50 5.66 6.80 -7.48
CA LYS A 50 4.86 7.13 -8.61
C LYS A 50 3.60 7.92 -8.24
N TYR A 51 3.33 7.99 -6.96
CA TYR A 51 2.17 8.74 -6.44
C TYR A 51 0.90 8.11 -6.90
N PHE A 52 0.92 6.79 -7.12
CA PHE A 52 -0.24 6.13 -7.70
C PHE A 52 -1.51 6.25 -6.78
N ARG A 53 -1.31 6.10 -5.49
CA ARG A 53 -2.35 6.23 -4.52
C ARG A 53 -2.99 7.63 -4.43
N GLY A 54 -2.17 8.66 -4.28
CA GLY A 54 -2.69 10.02 -4.24
C GLY A 54 -3.32 10.43 -5.55
N MET A 55 -2.69 10.10 -6.66
CA MET A 55 -3.12 10.45 -7.99
C MET A 55 -4.45 9.75 -8.31
N THR A 56 -4.74 8.59 -7.70
CA THR A 56 -6.02 7.98 -7.92
C THR A 56 -7.15 8.86 -7.38
N VAL A 57 -6.97 9.51 -6.24
CA VAL A 57 -7.95 10.45 -5.71
C VAL A 57 -8.20 11.56 -6.69
N VAL A 58 -7.15 12.13 -7.28
CA VAL A 58 -7.29 13.18 -8.21
C VAL A 58 -8.00 12.68 -9.48
N ASN A 59 -7.64 11.46 -9.92
CA ASN A 59 -8.16 10.90 -11.16
C ASN A 59 -9.65 10.63 -11.05
N VAL A 60 -10.08 10.15 -9.92
CA VAL A 60 -11.48 9.89 -9.72
C VAL A 60 -12.24 11.23 -9.72
N ALA A 61 -11.68 12.23 -9.05
CA ALA A 61 -12.37 13.51 -8.96
C ALA A 61 -12.47 14.15 -10.34
N GLU A 62 -11.37 14.05 -11.13
CA GLU A 62 -11.43 14.59 -12.49
C GLU A 62 -12.50 13.92 -13.33
N GLY A 63 -12.70 12.60 -13.14
CA GLY A 63 -13.75 11.88 -13.90
C GLY A 63 -15.10 12.51 -13.64
N PHE A 64 -15.37 12.74 -12.36
CA PHE A 64 -16.63 13.41 -11.95
C PHE A 64 -16.78 14.83 -12.44
N LEU A 65 -15.67 15.53 -12.54
CA LEU A 65 -15.76 16.95 -12.91
C LEU A 65 -16.20 17.06 -14.36
N ALA A 66 -15.83 16.06 -15.15
CA ALA A 66 -16.11 16.06 -16.56
C ALA A 66 -17.58 15.83 -16.85
N VAL A 67 -18.36 15.29 -15.94
CA VAL A 67 -19.78 15.05 -16.14
C VAL A 67 -20.70 15.77 -15.17
N THR A 68 -20.20 16.70 -14.38
CA THR A 68 -20.98 17.33 -13.31
C THR A 68 -20.83 18.83 -13.49
N GLN A 69 -21.93 19.56 -13.36
CA GLN A 69 -21.90 21.01 -13.54
C GLN A 69 -21.42 21.67 -12.29
N HIS A 70 -20.45 22.59 -12.47
CA HIS A 70 -19.88 23.32 -11.33
C HIS A 70 -19.30 24.65 -11.81
N ASP A 71 -19.29 25.64 -10.93
CA ASP A 71 -18.54 26.87 -11.19
C ASP A 71 -17.07 26.48 -11.25
N GLU A 72 -16.30 27.27 -11.97
CA GLU A 72 -14.83 27.07 -12.04
C GLU A 72 -14.21 27.02 -10.65
N ALA A 73 -14.59 27.91 -9.75
CA ALA A 73 -13.98 27.97 -8.40
C ALA A 73 -14.29 26.66 -7.66
N THR A 74 -15.45 26.07 -7.93
CA THR A 74 -15.78 24.75 -7.32
C THR A 74 -14.94 23.63 -7.87
N LYS A 75 -14.71 23.64 -9.20
CA LYS A 75 -13.82 22.66 -9.77
C LYS A 75 -12.42 22.76 -9.14
N GLU A 76 -11.95 23.96 -8.92
CA GLU A 76 -10.63 24.10 -8.31
C GLU A 76 -10.63 23.68 -6.92
N ARG A 77 -11.66 24.00 -6.17
CA ARG A 77 -11.79 23.51 -4.81
C ARG A 77 -11.77 21.98 -4.75
N ILE A 78 -12.58 21.32 -5.59
CA ILE A 78 -12.64 19.89 -5.58
C ILE A 78 -11.25 19.30 -5.91
N LEU A 79 -10.56 19.90 -6.87
CA LEU A 79 -9.23 19.35 -7.25
C LEU A 79 -8.22 19.58 -6.15
N HIS A 80 -8.29 20.73 -5.50
CA HIS A 80 -7.40 20.96 -4.37
C HIS A 80 -7.68 19.95 -3.27
N ASP A 81 -8.93 19.75 -2.94
CA ASP A 81 -9.34 18.73 -1.94
C ASP A 81 -8.86 17.33 -2.33
N ALA A 82 -8.98 16.96 -3.59
CA ALA A 82 -8.47 15.66 -3.99
C ALA A 82 -6.98 15.52 -3.80
N CYS A 83 -6.23 16.60 -4.07
CA CYS A 83 -4.81 16.61 -3.90
C CYS A 83 -4.43 16.50 -2.44
N VAL A 84 -5.09 17.25 -1.59
CA VAL A 84 -4.88 17.13 -0.14
C VAL A 84 -5.21 15.71 0.34
N GLY A 85 -6.38 15.19 -0.06
CA GLY A 85 -6.74 13.87 0.30
C GLY A 85 -5.71 12.82 -0.20
N GLY A 86 -5.24 13.00 -1.39
CA GLY A 86 -4.22 12.16 -2.01
C GLY A 86 -2.95 12.20 -1.18
N TRP A 87 -2.50 13.36 -0.79
CA TRP A 87 -1.35 13.46 0.12
C TRP A 87 -1.59 12.83 1.48
N MET A 88 -2.80 12.89 2.04
CA MET A 88 -3.06 12.13 3.25
C MET A 88 -2.75 10.66 3.07
N ILE A 89 -3.08 10.11 1.94
CA ILE A 89 -2.83 8.70 1.67
C ILE A 89 -1.32 8.40 1.51
N GLU A 90 -0.67 9.28 0.76
CA GLU A 90 0.78 9.19 0.56
C GLU A 90 1.53 9.27 1.89
N PHE A 91 1.10 10.19 2.78
CA PHE A 91 1.68 10.29 4.11
C PHE A 91 1.38 9.07 4.97
N LEU A 92 0.17 8.51 4.86
CA LEU A 92 -0.18 7.28 5.53
C LEU A 92 0.73 6.15 5.08
N GLN A 93 0.94 6.08 3.79
CA GLN A 93 1.88 5.07 3.27
C GLN A 93 3.25 5.30 3.83
N ALA A 94 3.73 6.54 3.80
CA ALA A 94 5.09 6.83 4.28
C ALA A 94 5.28 6.42 5.75
N HIS A 95 4.21 6.66 6.58
CA HIS A 95 4.21 6.21 7.95
C HIS A 95 4.51 4.68 8.02
N TYR A 96 3.74 3.92 7.24
CA TYR A 96 3.83 2.48 7.24
C TYR A 96 5.13 1.96 6.70
N LEU A 97 5.68 2.64 5.71
CA LEU A 97 6.93 2.21 5.10
C LEU A 97 8.08 2.45 6.06
N VAL A 98 8.07 3.61 6.72
CA VAL A 98 9.12 3.94 7.70
C VAL A 98 9.11 2.92 8.81
N GLU A 99 7.95 2.64 9.32
CA GLU A 99 7.85 1.75 10.48
C GLU A 99 8.14 0.28 10.08
N ASP A 100 7.67 -0.10 8.90
CA ASP A 100 7.82 -1.47 8.43
C ASP A 100 9.28 -1.76 8.17
N ASP A 101 9.99 -0.79 7.60
CA ASP A 101 11.41 -1.00 7.30
C ASP A 101 12.18 -1.20 8.63
N ILE A 102 11.81 -0.46 9.65
CA ILE A 102 12.43 -0.64 10.97
C ILE A 102 12.09 -2.02 11.53
N MET A 103 10.80 -2.37 11.50
CA MET A 103 10.28 -3.65 11.99
C MET A 103 10.99 -4.84 11.35
N ASP A 104 11.23 -4.71 10.05
CA ASP A 104 11.76 -5.80 9.27
C ASP A 104 13.28 -5.79 9.13
N GLY A 105 13.97 -4.82 9.67
CA GLY A 105 15.39 -4.66 9.45
C GLY A 105 15.76 -4.47 7.99
N SER A 106 14.88 -3.81 7.24
CA SER A 106 15.09 -3.60 5.85
C SER A 106 16.29 -2.64 5.61
N VAL A 107 16.91 -2.82 4.47
CA VAL A 107 18.17 -2.14 4.21
C VAL A 107 17.93 -1.01 3.24
N MET A 108 17.23 -1.32 2.17
CA MET A 108 16.96 -0.32 1.17
C MET A 108 15.52 -0.29 0.81
N ARG A 109 15.14 0.81 0.19
CA ARG A 109 13.88 0.86 -0.54
C ARG A 109 13.92 1.92 -1.63
N ARG A 110 13.42 1.58 -2.83
CA ARG A 110 13.49 2.50 -4.00
C ARG A 110 14.94 2.98 -4.28
N GLY A 111 15.91 2.07 -4.11
CA GLY A 111 17.28 2.40 -4.43
C GLY A 111 18.02 3.31 -3.46
N LYS A 112 17.46 3.59 -2.26
CA LYS A 112 18.10 4.44 -1.28
C LYS A 112 18.01 3.71 0.06
N PRO A 113 18.84 4.10 1.02
CA PRO A 113 18.71 3.50 2.35
C PRO A 113 17.34 3.78 2.92
N CYS A 114 16.85 2.81 3.67
CA CYS A 114 15.67 3.04 4.53
C CYS A 114 15.95 4.20 5.49
N TRP A 115 14.92 5.03 5.73
CA TRP A 115 15.06 6.23 6.57
C TRP A 115 15.80 6.01 7.86
N TYR A 116 15.45 4.99 8.57
CA TYR A 116 16.09 4.70 9.86
C TYR A 116 17.59 4.53 9.79
N ARG A 117 18.09 4.16 8.64
CA ARG A 117 19.52 3.95 8.43
C ARG A 117 20.29 5.15 8.07
N PHE A 118 19.62 6.27 7.79
CA PHE A 118 20.37 7.52 7.59
C PHE A 118 21.25 7.82 8.84
N PRO A 119 22.50 8.17 8.63
CA PRO A 119 23.40 8.33 9.79
C PRO A 119 22.89 9.19 10.95
N GLY A 120 22.17 10.28 10.59
CA GLY A 120 21.71 11.30 11.50
C GLY A 120 20.26 11.08 11.91
N VAL A 121 19.69 9.93 11.57
CA VAL A 121 18.30 9.59 11.92
C VAL A 121 18.35 8.61 13.13
N THR A 122 18.67 7.35 12.81
CA THR A 122 18.67 6.24 13.78
C THR A 122 17.24 5.81 14.08
N THR A 123 17.11 4.59 14.58
CA THR A 123 15.83 3.99 14.92
C THR A 123 15.13 4.78 16.01
N GLN A 124 15.85 5.29 16.98
CA GLN A 124 15.23 6.06 18.05
C GLN A 124 14.42 7.26 17.51
N CYS A 125 14.99 8.01 16.56
CA CYS A 125 14.25 9.05 15.92
C CYS A 125 13.26 8.57 14.91
N ALA A 126 13.66 7.58 14.12
CA ALA A 126 12.84 7.18 12.99
C ALA A 126 11.46 6.64 13.40
N ILE A 127 11.38 5.94 14.51
CA ILE A 127 10.08 5.41 14.94
C ILE A 127 9.14 6.62 15.11
N ASN A 128 9.65 7.63 15.77
CA ASN A 128 8.92 8.86 16.03
C ASN A 128 8.63 9.67 14.81
N ASP A 129 9.58 9.73 13.91
CA ASP A 129 9.32 10.32 12.63
C ASP A 129 8.17 9.67 11.93
N GLY A 130 8.07 8.34 12.02
CA GLY A 130 6.94 7.68 11.38
C GLY A 130 5.61 8.04 12.03
N ILE A 131 5.64 8.18 13.34
CA ILE A 131 4.48 8.68 14.09
C ILE A 131 4.02 10.04 13.60
N ILE A 132 4.99 10.97 13.46
CA ILE A 132 4.69 12.31 12.97
C ILE A 132 4.05 12.26 11.60
N LEU A 133 4.57 11.43 10.74
CA LEU A 133 3.99 11.25 9.42
C LEU A 133 2.46 11.01 9.40
N LYS A 134 2.03 10.07 10.20
CA LYS A 134 0.62 9.80 10.26
C LYS A 134 -0.09 10.96 10.97
N SER A 135 0.52 11.56 12.01
CA SER A 135 -0.12 12.72 12.68
C SER A 135 -0.36 13.86 11.69
N TRP A 136 0.57 14.07 10.73
CA TRP A 136 0.35 15.06 9.74
C TRP A 136 -0.85 14.84 8.83
N THR A 137 -1.25 13.55 8.64
CA THR A 137 -2.49 13.33 7.88
C THR A 137 -3.65 13.97 8.51
N GLN A 138 -3.74 13.85 9.81
CA GLN A 138 -4.84 14.47 10.50
C GLN A 138 -4.76 15.99 10.59
N ILE A 139 -3.56 16.54 10.79
CA ILE A 139 -3.38 17.98 10.74
C ILE A 139 -3.87 18.49 9.38
N MET A 140 -3.46 17.85 8.28
CA MET A 140 -3.93 18.27 6.94
C MET A 140 -5.45 18.28 6.88
N ALA A 141 -6.06 17.20 7.34
CA ALA A 141 -7.52 17.04 7.19
C ALA A 141 -8.30 18.13 7.93
N TRP A 142 -7.99 18.31 9.20
CA TRP A 142 -8.63 19.27 10.02
C TRP A 142 -8.46 20.71 9.49
N HIS A 143 -7.30 21.01 8.95
CA HIS A 143 -7.05 22.34 8.42
C HIS A 143 -7.78 22.50 7.11
N TYR A 144 -7.55 21.66 6.10
CA TYR A 144 -8.08 21.94 4.76
C TYR A 144 -9.59 21.61 4.64
N PHE A 145 -10.08 20.71 5.46
CA PHE A 145 -11.45 20.17 5.30
C PHE A 145 -12.37 20.59 6.42
N ALA A 146 -11.92 21.54 7.24
CA ALA A 146 -12.63 22.01 8.41
C ALA A 146 -14.11 22.26 8.14
N ASP A 147 -14.44 22.92 7.08
CA ASP A 147 -15.84 23.24 6.92
C ASP A 147 -16.55 22.34 5.90
N ARG A 148 -15.93 21.20 5.54
CA ARG A 148 -16.42 20.41 4.44
C ARG A 148 -17.50 19.40 4.87
N PRO A 149 -18.52 19.22 4.05
CA PRO A 149 -19.59 18.29 4.40
C PRO A 149 -19.03 16.87 4.57
N PHE A 150 -18.02 16.50 3.81
CA PHE A 150 -17.49 15.16 3.81
C PHE A 150 -16.47 14.92 4.96
N LEU A 151 -16.16 15.92 5.81
CA LEU A 151 -15.05 15.72 6.78
C LEU A 151 -15.26 14.53 7.65
N LYS A 152 -16.45 14.38 8.22
CA LYS A 152 -16.71 13.24 9.10
C LYS A 152 -16.51 11.91 8.38
N ASP A 153 -17.13 11.77 7.22
CA ASP A 153 -17.09 10.51 6.50
C ASP A 153 -15.64 10.22 6.09
N LEU A 154 -14.92 11.26 5.65
CA LEU A 154 -13.46 11.14 5.32
C LEU A 154 -12.55 10.69 6.49
N LEU A 155 -12.74 11.28 7.66
CA LEU A 155 -11.94 10.93 8.82
C LEU A 155 -12.30 9.52 9.26
N CYS A 156 -13.61 9.16 9.22
CA CYS A 156 -14.02 7.80 9.68
C CYS A 156 -13.44 6.68 8.76
N LEU A 157 -13.48 6.89 7.46
CA LEU A 157 -12.95 6.02 6.50
C LEU A 157 -11.44 5.88 6.67
N PHE A 158 -10.77 7.03 6.85
CA PHE A 158 -9.31 7.05 6.99
C PHE A 158 -8.88 6.23 8.16
N GLN A 159 -9.60 6.40 9.24
CA GLN A 159 -9.39 5.74 10.51
C GLN A 159 -9.52 4.21 10.39
N LYS A 160 -10.57 3.79 9.70
CA LYS A 160 -10.83 2.39 9.46
C LYS A 160 -9.77 1.73 8.58
N VAL A 161 -9.33 2.49 7.58
CA VAL A 161 -8.28 2.02 6.70
C VAL A 161 -6.94 1.88 7.42
N ASP A 162 -6.62 2.86 8.25
CA ASP A 162 -5.42 2.85 9.06
C ASP A 162 -5.38 1.61 9.92
N TYR A 163 -6.48 1.38 10.61
CA TYR A 163 -6.62 0.23 11.46
C TYR A 163 -6.55 -1.08 10.72
N ALA A 164 -7.26 -1.18 9.59
CA ALA A 164 -7.22 -2.39 8.80
C ALA A 164 -5.72 -2.67 8.44
N THR A 165 -5.02 -1.63 8.03
CA THR A 165 -3.60 -1.72 7.67
C THR A 165 -2.74 -2.24 8.83
N ALA A 166 -2.94 -1.76 10.03
CA ALA A 166 -2.16 -2.18 11.22
C ALA A 166 -2.49 -3.68 11.52
N VAL A 167 -3.76 -4.04 11.39
CA VAL A 167 -4.18 -5.44 11.49
C VAL A 167 -3.52 -6.35 10.49
N GLY A 168 -3.50 -5.90 9.26
CA GLY A 168 -2.82 -6.53 8.19
C GLY A 168 -1.34 -6.73 8.45
N GLN A 169 -0.72 -5.71 8.98
CA GLN A 169 0.69 -5.80 9.40
C GLN A 169 0.89 -6.95 10.42
N MET A 170 -0.03 -7.06 11.36
CA MET A 170 0.01 -8.12 12.36
C MET A 170 -0.16 -9.48 11.65
N TYR A 171 -1.07 -9.58 10.72
CA TYR A 171 -1.20 -10.87 9.97
C TYR A 171 0.08 -11.21 9.22
N ASP A 172 0.68 -10.19 8.65
CA ASP A 172 1.90 -10.41 7.88
C ASP A 172 3.07 -10.91 8.76
N VAL A 173 3.27 -10.21 9.85
CA VAL A 173 4.47 -10.46 10.66
C VAL A 173 4.37 -11.77 11.34
N THR A 174 3.14 -12.22 11.59
CA THR A 174 2.93 -13.50 12.25
C THR A 174 2.65 -14.66 11.23
N SER A 175 2.83 -14.47 9.95
CA SER A 175 2.30 -15.39 8.99
C SER A 175 3.18 -16.71 8.88
N MET A 176 4.38 -16.66 9.43
CA MET A 176 5.31 -17.81 9.43
C MET A 176 5.30 -18.56 10.75
N CYS A 177 4.41 -18.21 11.67
CA CYS A 177 4.27 -18.90 12.91
C CYS A 177 3.01 -19.73 12.86
N ASP A 178 2.95 -20.76 13.70
CA ASP A 178 1.74 -21.51 13.86
C ASP A 178 0.81 -20.75 14.77
N SER A 179 -0.41 -20.50 14.32
CA SER A 179 -1.34 -19.70 15.10
C SER A 179 -1.53 -20.23 16.52
N ASN A 180 -1.56 -21.55 16.68
CA ASN A 180 -1.94 -22.18 17.93
C ASN A 180 -0.82 -21.97 18.97
N LYS A 181 0.37 -21.61 18.48
CA LYS A 181 1.54 -21.36 19.30
C LYS A 181 1.78 -19.87 19.60
N LEU A 182 1.02 -18.91 19.08
CA LEU A 182 1.24 -17.50 19.38
C LEU A 182 1.06 -17.28 20.84
N ASP A 183 1.96 -16.56 21.45
CA ASP A 183 1.99 -16.38 22.91
C ASP A 183 3.09 -15.37 23.26
N PRO A 184 2.71 -14.20 23.76
CA PRO A 184 3.71 -13.16 24.12
C PRO A 184 4.80 -13.59 25.05
N GLU A 185 4.44 -14.56 25.92
CA GLU A 185 5.39 -15.17 26.82
C GLU A 185 6.41 -16.11 26.22
N VAL A 186 6.23 -16.62 24.98
CA VAL A 186 7.14 -17.64 24.47
C VAL A 186 7.69 -17.26 23.13
N ALA A 187 9.02 -17.35 22.99
CA ALA A 187 9.62 -17.02 21.70
C ALA A 187 9.03 -17.92 20.57
N GLN A 188 8.75 -17.29 19.43
CA GLN A 188 7.98 -17.94 18.35
C GLN A 188 8.81 -18.72 17.36
N PRO A 189 8.62 -20.08 17.32
CA PRO A 189 9.30 -20.85 16.28
C PRO A 189 8.62 -20.61 14.95
N MET A 190 9.41 -20.66 13.90
CA MET A 190 8.86 -20.77 12.54
C MET A 190 8.05 -22.09 12.39
N THR A 191 6.94 -22.05 11.63
CA THR A 191 6.20 -23.22 11.25
C THR A 191 7.14 -24.26 10.64
N THR A 192 6.92 -25.50 11.03
CA THR A 192 7.61 -26.64 10.40
C THR A 192 6.65 -27.29 9.38
N ASP A 193 5.34 -27.21 9.60
CA ASP A 193 4.38 -27.87 8.59
C ASP A 193 3.89 -27.02 7.38
N PHE A 194 3.94 -25.67 7.54
CA PHE A 194 3.41 -24.76 6.60
C PHE A 194 1.93 -24.98 6.31
N ALA A 195 1.21 -25.50 7.28
CA ALA A 195 -0.21 -25.72 7.10
C ALA A 195 -0.96 -24.44 6.89
N GLU A 196 -0.44 -23.34 7.41
CA GLU A 196 -1.16 -22.07 7.21
C GLU A 196 -0.73 -21.33 5.98
N PHE A 197 0.06 -21.96 5.08
CA PHE A 197 0.35 -21.30 3.83
C PHE A 197 -0.77 -21.73 2.84
N THR A 198 -1.92 -21.11 2.94
CA THR A 198 -3.06 -21.45 2.08
C THR A 198 -3.52 -20.22 1.35
N PRO A 199 -4.26 -20.44 0.27
CA PRO A 199 -4.73 -19.24 -0.47
C PRO A 199 -5.60 -18.37 0.41
N ALA A 200 -6.44 -18.96 1.23
CA ALA A 200 -7.36 -18.12 1.99
C ALA A 200 -6.56 -17.26 3.02
N ILE A 201 -5.55 -17.88 3.62
CA ILE A 201 -4.74 -17.17 4.65
C ILE A 201 -3.95 -16.06 3.99
N TYR A 202 -3.33 -16.39 2.85
CA TYR A 202 -2.62 -15.41 2.09
C TYR A 202 -3.55 -14.22 1.76
N LYS A 203 -4.72 -14.54 1.25
CA LYS A 203 -5.69 -13.52 0.91
C LYS A 203 -5.96 -12.58 2.08
N ARG A 204 -6.13 -13.15 3.28
CA ARG A 204 -6.41 -12.33 4.49
C ARG A 204 -5.26 -11.30 4.75
N ILE A 205 -4.01 -11.79 4.64
CA ILE A 205 -2.86 -10.93 4.88
C ILE A 205 -2.93 -9.76 3.89
N VAL A 206 -3.03 -10.07 2.63
CA VAL A 206 -2.97 -9.07 1.58
C VAL A 206 -4.14 -8.08 1.66
N LYS A 207 -5.34 -8.59 1.84
CA LYS A 207 -6.54 -7.76 1.93
C LYS A 207 -6.36 -6.62 2.92
N TYR A 208 -5.83 -6.96 4.08
CA TYR A 208 -5.69 -6.01 5.16
C TYR A 208 -4.44 -5.20 5.07
N LYS A 209 -3.34 -5.84 4.76
CA LYS A 209 -2.12 -5.14 4.81
C LYS A 209 -1.94 -4.08 3.69
N THR A 210 -2.51 -4.33 2.50
CA THR A 210 -2.25 -3.47 1.37
C THR A 210 -3.54 -2.95 0.74
N THR A 211 -4.57 -3.79 0.52
CA THR A 211 -5.61 -3.36 -0.45
C THR A 211 -6.44 -2.22 0.10
N PHE A 212 -6.66 -2.16 1.42
CA PHE A 212 -7.50 -1.09 1.96
C PHE A 212 -6.78 0.24 1.70
N TYR A 213 -5.46 0.39 1.95
CA TYR A 213 -4.83 1.72 1.84
C TYR A 213 -4.36 2.02 0.41
N THR A 214 -4.22 0.98 -0.41
CA THR A 214 -3.63 1.17 -1.69
C THR A 214 -4.76 1.37 -2.78
N TYR A 215 -5.87 0.70 -2.62
CA TYR A 215 -6.98 0.73 -3.61
C TYR A 215 -8.29 1.22 -3.03
N LEU A 216 -8.68 0.76 -1.86
CA LEU A 216 -10.01 1.13 -1.42
C LEU A 216 -10.00 2.61 -0.99
N LEU A 217 -8.99 3.00 -0.25
CA LEU A 217 -8.95 4.37 0.28
C LEU A 217 -8.85 5.43 -0.81
N PRO A 218 -7.98 5.27 -1.82
CA PRO A 218 -7.95 6.29 -2.91
C PRO A 218 -9.26 6.38 -3.67
N LEU A 219 -9.89 5.24 -3.95
CA LEU A 219 -11.15 5.26 -4.67
C LEU A 219 -12.23 5.93 -3.89
N VAL A 220 -12.43 5.52 -2.65
CA VAL A 220 -13.50 6.09 -1.82
C VAL A 220 -13.25 7.54 -1.50
N MET A 221 -12.00 7.91 -1.20
CA MET A 221 -11.67 9.34 -1.01
C MET A 221 -12.01 10.23 -2.22
N GLY A 222 -11.74 9.75 -3.42
CA GLY A 222 -12.17 10.42 -4.61
C GLY A 222 -13.64 10.64 -4.69
N LEU A 223 -14.39 9.62 -4.34
CA LEU A 223 -15.86 9.75 -4.24
C LEU A 223 -16.25 10.77 -3.18
N LEU A 224 -15.65 10.73 -2.00
CA LEU A 224 -16.05 11.66 -0.92
C LEU A 224 -15.75 13.13 -1.27
N VAL A 225 -14.58 13.41 -1.87
CA VAL A 225 -14.30 14.80 -2.13
C VAL A 225 -15.17 15.35 -3.32
N SER A 226 -15.66 14.42 -4.12
CA SER A 226 -16.56 14.71 -5.27
C SER A 226 -18.06 14.71 -4.83
N GLU A 227 -18.35 14.39 -3.57
CA GLU A 227 -19.72 14.24 -3.08
C GLU A 227 -20.52 13.31 -3.98
N ALA A 228 -19.90 12.18 -4.26
CA ALA A 228 -20.41 11.26 -5.24
C ALA A 228 -20.60 9.85 -4.70
N ALA A 229 -20.56 9.61 -3.39
CA ALA A 229 -20.66 8.23 -2.86
C ALA A 229 -21.99 7.60 -3.16
N ALA A 230 -23.07 8.37 -3.34
CA ALA A 230 -24.36 7.77 -3.87
C ALA A 230 -24.40 7.47 -5.40
N SER A 231 -23.41 7.83 -6.18
CA SER A 231 -23.25 7.30 -7.52
C SER A 231 -22.75 5.87 -7.62
N VAL A 232 -22.42 5.22 -6.51
CA VAL A 232 -21.86 3.87 -6.57
C VAL A 232 -22.46 2.97 -5.56
N GLU A 233 -22.37 1.70 -5.87
CA GLU A 233 -22.68 0.64 -4.98
C GLU A 233 -21.36 0.40 -4.23
N MET A 234 -21.31 0.81 -2.98
CA MET A 234 -20.11 0.67 -2.19
C MET A 234 -19.61 -0.80 -2.10
N ASN A 235 -20.48 -1.83 -2.01
CA ASN A 235 -20.03 -3.18 -1.98
C ASN A 235 -19.22 -3.52 -3.22
N LEU A 236 -19.60 -3.02 -4.40
CA LEU A 236 -18.78 -3.25 -5.61
C LEU A 236 -17.40 -2.63 -5.56
N VAL A 237 -17.35 -1.41 -5.05
CA VAL A 237 -16.08 -0.72 -4.88
C VAL A 237 -15.13 -1.54 -3.94
N GLU A 238 -15.67 -2.03 -2.82
CA GLU A 238 -14.87 -2.88 -1.95
C GLU A 238 -14.36 -4.10 -2.65
N ARG A 239 -15.26 -4.82 -3.33
CA ARG A 239 -14.91 -6.04 -3.98
C ARG A 239 -13.82 -5.82 -5.04
N VAL A 240 -13.95 -4.75 -5.86
CA VAL A 240 -13.01 -4.57 -6.94
C VAL A 240 -11.68 -4.10 -6.36
N ALA A 241 -11.76 -3.27 -5.32
CA ALA A 241 -10.57 -2.80 -4.62
C ALA A 241 -9.80 -4.00 -4.08
N HIS A 242 -10.49 -4.87 -3.36
CA HIS A 242 -9.86 -6.05 -2.75
C HIS A 242 -9.28 -6.95 -3.81
N LEU A 243 -9.98 -7.13 -4.93
CA LEU A 243 -9.45 -7.94 -5.99
C LEU A 243 -8.20 -7.37 -6.73
N ILE A 244 -8.27 -6.13 -7.15
CA ILE A 244 -7.09 -5.55 -7.78
C ILE A 244 -5.90 -5.45 -6.79
N GLY A 245 -6.22 -5.14 -5.54
CA GLY A 245 -5.16 -5.13 -4.51
C GLY A 245 -4.42 -6.43 -4.30
N GLU A 246 -5.16 -7.54 -4.34
CA GLU A 246 -4.57 -8.85 -4.31
C GLU A 246 -3.60 -9.13 -5.45
N TYR A 247 -4.04 -8.82 -6.67
CA TYR A 247 -3.22 -9.01 -7.87
C TYR A 247 -1.95 -8.20 -7.73
N PHE A 248 -2.11 -6.97 -7.27
CA PHE A 248 -0.98 -6.10 -7.12
C PHE A 248 0.05 -6.78 -6.18
N GLN A 249 -0.44 -7.32 -5.07
CA GLN A 249 0.47 -7.99 -4.14
C GLN A 249 1.13 -9.28 -4.69
N VAL A 250 0.42 -10.05 -5.50
CA VAL A 250 0.97 -11.25 -6.10
C VAL A 250 2.15 -10.83 -6.97
N GLN A 251 1.94 -9.79 -7.77
CA GLN A 251 3.05 -9.25 -8.61
C GLN A 251 4.23 -8.84 -7.81
N ASP A 252 4.00 -8.10 -6.71
CA ASP A 252 5.08 -7.72 -5.81
C ASP A 252 5.84 -8.98 -5.28
N ASP A 253 5.07 -9.96 -4.85
CA ASP A 253 5.67 -11.22 -4.40
C ASP A 253 6.55 -11.89 -5.47
N VAL A 254 6.06 -11.95 -6.72
CA VAL A 254 6.82 -12.56 -7.80
C VAL A 254 8.14 -11.85 -8.00
N MET A 255 8.08 -10.55 -7.92
CA MET A 255 9.24 -9.69 -8.18
C MET A 255 10.27 -9.82 -7.05
N ASP A 256 9.77 -9.94 -5.82
CA ASP A 256 10.66 -10.12 -4.66
C ASP A 256 11.72 -11.17 -4.95
N CYS A 257 11.25 -12.25 -5.57
CA CYS A 257 12.05 -13.40 -5.80
C CYS A 257 12.83 -13.30 -7.10
N PHE A 258 12.22 -12.77 -8.16
CA PHE A 258 12.77 -12.94 -9.52
C PHE A 258 13.30 -11.70 -10.21
N THR A 259 12.96 -10.50 -9.75
CA THR A 259 13.34 -9.22 -10.41
C THR A 259 14.74 -8.88 -9.91
N PRO A 260 15.72 -8.62 -10.82
CA PRO A 260 17.08 -8.25 -10.37
C PRO A 260 17.08 -7.07 -9.38
N PRO A 261 17.93 -7.13 -8.31
CA PRO A 261 17.87 -6.08 -7.26
C PRO A 261 17.99 -4.57 -7.69
N GLU A 262 18.82 -4.26 -8.69
CA GLU A 262 18.95 -2.85 -9.16
C GLU A 262 17.62 -2.37 -9.74
N GLN A 263 16.85 -3.28 -10.34
CA GLN A 263 15.50 -2.98 -10.81
C GLN A 263 14.42 -3.04 -9.72
N LEU A 264 14.48 -4.05 -8.87
CA LEU A 264 13.60 -4.07 -7.67
C LEU A 264 13.76 -2.82 -6.73
N GLY A 265 14.98 -2.27 -6.62
CA GLY A 265 15.29 -1.14 -5.72
C GLY A 265 15.86 -1.63 -4.39
N LYS A 266 15.88 -2.95 -4.22
CA LYS A 266 16.27 -3.58 -2.96
C LYS A 266 16.59 -5.01 -3.31
N VAL A 267 17.20 -5.69 -2.34
CA VAL A 267 17.48 -7.14 -2.39
C VAL A 267 16.27 -7.76 -1.67
N GLY A 268 15.55 -8.61 -2.37
CA GLY A 268 14.39 -9.27 -1.84
C GLY A 268 14.81 -10.38 -0.89
N THR A 269 14.15 -10.42 0.27
CA THR A 269 14.42 -11.43 1.28
C THR A 269 13.17 -12.19 1.72
N ASP A 270 12.11 -12.29 0.88
CA ASP A 270 10.93 -13.07 1.32
C ASP A 270 11.22 -14.49 1.67
N ILE A 271 12.17 -15.11 0.96
CA ILE A 271 12.48 -16.51 1.24
C ILE A 271 13.18 -16.68 2.60
N GLU A 272 14.16 -15.84 2.86
CA GLU A 272 14.90 -15.84 4.15
C GLU A 272 14.02 -15.42 5.30
N ASP A 273 13.07 -14.52 5.02
CA ASP A 273 12.09 -14.06 6.07
C ASP A 273 10.93 -15.07 6.31
N ALA A 274 10.87 -16.13 5.49
CA ALA A 274 9.90 -17.20 5.51
C ALA A 274 8.49 -16.58 5.28
N LYS A 275 8.43 -15.56 4.45
CA LYS A 275 7.10 -14.93 4.23
C LYS A 275 6.09 -15.89 3.55
N CYS A 276 4.81 -15.69 3.91
CA CYS A 276 3.71 -16.30 3.18
C CYS A 276 3.48 -15.58 1.85
N SER A 277 4.28 -15.90 0.86
CA SER A 277 4.24 -15.26 -0.43
C SER A 277 3.37 -16.08 -1.37
N TRP A 278 2.86 -15.46 -2.44
CA TRP A 278 2.17 -16.17 -3.44
C TRP A 278 2.98 -17.33 -4.03
N LEU A 279 4.30 -17.17 -4.19
CA LEU A 279 5.17 -18.20 -4.74
C LEU A 279 5.14 -19.39 -3.79
N ALA A 280 5.33 -19.16 -2.50
CA ALA A 280 5.34 -20.29 -1.56
C ALA A 280 4.00 -21.04 -1.44
N VAL A 281 2.88 -20.30 -1.38
CA VAL A 281 1.57 -20.91 -1.31
C VAL A 281 1.27 -21.71 -2.61
N THR A 282 1.56 -21.15 -3.78
CA THR A 282 1.25 -21.78 -5.03
C THR A 282 2.17 -23.01 -5.23
N PHE A 283 3.42 -22.87 -4.80
CA PHE A 283 4.38 -24.02 -4.83
C PHE A 283 3.86 -25.18 -3.96
N LEU A 284 3.42 -24.86 -2.75
CA LEU A 284 2.92 -25.86 -1.85
C LEU A 284 1.57 -26.43 -2.35
N GLY A 285 0.87 -25.67 -3.16
CA GLY A 285 -0.35 -26.14 -3.80
C GLY A 285 -0.12 -27.18 -4.91
N LYS A 286 1.10 -27.29 -5.45
CA LYS A 286 1.31 -28.16 -6.60
C LYS A 286 2.48 -29.18 -6.46
N ALA A 287 3.30 -29.03 -5.43
CA ALA A 287 4.45 -29.90 -5.22
C ALA A 287 4.10 -31.28 -4.87
N ASN A 288 5.01 -32.24 -5.20
CA ASN A 288 4.94 -33.57 -4.62
C ASN A 288 5.64 -33.65 -3.25
N ALA A 289 5.50 -34.79 -2.56
CA ALA A 289 6.11 -35.05 -1.24
C ALA A 289 7.58 -34.66 -1.15
N ALA A 290 8.37 -35.12 -2.13
CA ALA A 290 9.80 -34.84 -2.12
C ALA A 290 10.12 -33.34 -2.20
N GLN A 291 9.41 -32.66 -3.12
CA GLN A 291 9.56 -31.23 -3.29
C GLN A 291 9.13 -30.42 -2.03
N VAL A 292 8.01 -30.78 -1.38
CA VAL A 292 7.62 -30.17 -0.12
C VAL A 292 8.72 -30.30 0.91
N ALA A 293 9.21 -31.53 1.07
CA ALA A 293 10.25 -31.87 2.05
C ALA A 293 11.48 -31.01 1.82
N GLU A 294 11.82 -30.85 0.54
CA GLU A 294 13.01 -30.04 0.16
C GLU A 294 12.76 -28.55 0.51
N PHE A 295 11.55 -28.10 0.19
CA PHE A 295 11.09 -26.76 0.55
C PHE A 295 11.24 -26.57 2.03
N LYS A 296 10.77 -27.49 2.80
CA LYS A 296 10.79 -27.29 4.23
C LYS A 296 12.23 -27.25 4.73
N ALA A 297 13.16 -27.98 4.09
CA ALA A 297 14.54 -28.01 4.60
C ALA A 297 15.28 -26.74 4.24
N ASN A 298 14.74 -25.94 3.35
CA ASN A 298 15.50 -24.78 2.89
C ASN A 298 14.85 -23.39 3.10
N TYR A 299 13.56 -23.35 3.36
CA TYR A 299 12.88 -22.03 3.40
C TYR A 299 13.16 -21.37 4.75
N GLY A 300 13.21 -20.05 4.72
CA GLY A 300 13.29 -19.25 5.94
C GLY A 300 14.67 -19.22 6.62
N GLU A 301 15.71 -19.41 5.84
CA GLU A 301 17.10 -19.52 6.32
C GLU A 301 17.91 -18.50 5.53
N LYS A 302 18.80 -17.79 6.23
CA LYS A 302 19.62 -16.75 5.59
C LYS A 302 20.69 -17.37 4.57
N ASP A 303 21.19 -18.56 4.88
CA ASP A 303 22.16 -19.29 4.04
C ASP A 303 21.83 -19.16 2.50
N PRO A 304 22.67 -18.46 1.70
CA PRO A 304 22.37 -18.29 0.29
C PRO A 304 22.20 -19.57 -0.49
N ALA A 305 22.93 -20.61 -0.08
CA ALA A 305 22.79 -21.93 -0.68
C ALA A 305 21.31 -22.40 -0.56
N LYS A 306 20.72 -22.21 0.61
CA LYS A 306 19.38 -22.63 0.89
C LYS A 306 18.36 -21.80 0.15
N VAL A 307 18.52 -20.49 0.18
CA VAL A 307 17.74 -19.61 -0.70
C VAL A 307 17.78 -20.07 -2.16
N ALA A 308 18.94 -20.45 -2.65
CA ALA A 308 19.06 -20.87 -4.03
C ALA A 308 18.30 -22.18 -4.32
N VAL A 309 18.20 -23.08 -3.34
CA VAL A 309 17.48 -24.33 -3.51
C VAL A 309 16.00 -23.96 -3.71
N VAL A 310 15.50 -23.08 -2.82
CA VAL A 310 14.09 -22.67 -2.87
C VAL A 310 13.76 -22.08 -4.25
N LYS A 311 14.59 -21.13 -4.72
CA LYS A 311 14.39 -20.51 -6.03
C LYS A 311 14.39 -21.49 -7.20
N ARG A 312 15.28 -22.48 -7.12
CA ARG A 312 15.32 -23.57 -8.11
C ARG A 312 13.99 -24.35 -8.09
N LEU A 313 13.52 -24.70 -6.89
CA LEU A 313 12.27 -25.38 -6.71
C LEU A 313 11.11 -24.62 -7.39
N TYR A 314 11.10 -23.31 -7.23
CA TYR A 314 10.06 -22.49 -7.81
C TYR A 314 10.15 -22.50 -9.36
N SER A 315 11.39 -22.42 -9.89
CA SER A 315 11.63 -22.50 -11.37
C SER A 315 11.10 -23.80 -11.90
N LYS A 316 11.66 -24.88 -11.39
CA LYS A 316 11.22 -26.20 -11.82
C LYS A 316 9.72 -26.48 -11.63
N ALA A 317 9.05 -25.82 -10.67
CA ALA A 317 7.64 -26.07 -10.47
C ALA A 317 6.71 -25.34 -11.45
N ASN A 318 7.28 -24.54 -12.34
CA ASN A 318 6.57 -23.94 -13.43
C ASN A 318 5.42 -23.05 -12.87
N LEU A 319 5.78 -22.20 -11.92
CA LEU A 319 4.83 -21.25 -11.30
C LEU A 319 4.31 -20.17 -12.26
N GLN A 320 5.08 -19.80 -13.25
CA GLN A 320 4.62 -18.91 -14.37
C GLN A 320 3.27 -19.33 -14.92
N ALA A 321 3.07 -20.62 -15.14
CA ALA A 321 1.76 -21.12 -15.63
C ALA A 321 0.64 -20.88 -14.61
N ASP A 322 0.87 -21.17 -13.36
CA ASP A 322 -0.17 -20.83 -12.35
C ASP A 322 -0.41 -19.30 -12.32
N PHE A 323 0.65 -18.52 -12.45
CA PHE A 323 0.48 -17.06 -12.44
C PHE A 323 -0.39 -16.63 -13.61
N ALA A 324 -0.18 -17.23 -14.75
CA ALA A 324 -0.93 -16.82 -15.94
C ALA A 324 -2.38 -17.19 -15.78
N ALA A 325 -2.65 -18.37 -15.24
CA ALA A 325 -4.04 -18.78 -14.96
C ALA A 325 -4.73 -17.89 -13.87
N TYR A 326 -4.01 -17.56 -12.80
CA TYR A 326 -4.50 -16.61 -11.80
C TYR A 326 -4.82 -15.25 -12.42
N GLU A 327 -3.90 -14.77 -13.21
CA GLU A 327 -4.05 -13.53 -13.96
C GLU A 327 -5.30 -13.52 -14.82
N ALA A 328 -5.57 -14.64 -15.49
CA ALA A 328 -6.72 -14.75 -16.37
C ALA A 328 -7.99 -14.70 -15.61
N GLU A 329 -8.01 -15.35 -14.46
CA GLU A 329 -9.15 -15.28 -13.58
C GLU A 329 -9.41 -13.87 -13.07
N VAL A 330 -8.33 -13.18 -12.69
CA VAL A 330 -8.48 -11.79 -12.13
C VAL A 330 -9.06 -10.87 -13.25
N VAL A 331 -8.55 -11.00 -14.45
CA VAL A 331 -9.14 -10.19 -15.57
C VAL A 331 -10.66 -10.46 -15.71
N ARG A 332 -11.08 -11.72 -15.69
CA ARG A 332 -12.54 -11.97 -15.77
C ARG A 332 -13.28 -11.25 -14.69
N GLU A 333 -12.83 -11.46 -13.44
CA GLU A 333 -13.53 -10.93 -12.30
C GLU A 333 -13.49 -9.41 -12.26
N VAL A 334 -12.37 -8.85 -12.62
CA VAL A 334 -12.24 -7.34 -12.56
C VAL A 334 -13.10 -6.73 -13.64
N GLU A 335 -13.02 -7.30 -14.84
CA GLU A 335 -13.91 -6.81 -15.91
C GLU A 335 -15.41 -6.98 -15.55
N SER A 336 -15.79 -8.08 -14.88
CA SER A 336 -17.19 -8.31 -14.47
C SER A 336 -17.60 -7.17 -13.51
N LEU A 337 -16.71 -6.87 -12.57
CA LEU A 337 -17.01 -5.85 -11.52
C LEU A 337 -17.12 -4.45 -12.18
N ILE A 338 -16.23 -4.16 -13.11
CA ILE A 338 -16.31 -2.92 -13.87
C ILE A 338 -17.67 -2.78 -14.56
N GLU A 339 -18.15 -3.88 -15.13
CA GLU A 339 -19.42 -3.84 -15.77
C GLU A 339 -20.55 -3.55 -14.81
N GLN A 340 -20.53 -4.19 -13.65
CA GLN A 340 -21.52 -3.96 -12.68
C GLN A 340 -21.46 -2.45 -12.25
N LEU A 341 -20.24 -1.86 -12.25
CA LEU A 341 -20.12 -0.48 -11.76
C LEU A 341 -20.77 0.52 -12.74
N LYS A 342 -20.74 0.17 -14.04
CA LYS A 342 -21.40 0.94 -15.08
C LYS A 342 -22.88 1.17 -14.85
N VAL A 343 -23.57 0.34 -14.10
CA VAL A 343 -25.00 0.50 -13.93
C VAL A 343 -25.34 1.86 -13.29
N LYS A 344 -24.76 2.12 -12.13
CA LYS A 344 -24.89 3.42 -11.43
C LYS A 344 -23.91 4.50 -11.87
N SER A 345 -22.66 4.19 -12.29
CA SER A 345 -21.71 5.24 -12.78
C SER A 345 -20.68 4.79 -13.81
N PRO A 346 -20.96 5.04 -15.07
CA PRO A 346 -19.97 4.79 -16.10
C PRO A 346 -18.68 5.53 -15.91
N THR A 347 -18.79 6.72 -15.35
CA THR A 347 -17.65 7.49 -15.09
C THR A 347 -16.71 6.85 -14.05
N PHE A 348 -17.29 6.46 -12.94
CA PHE A 348 -16.49 5.80 -11.92
C PHE A 348 -15.95 4.47 -12.43
N ALA A 349 -16.78 3.73 -13.21
CA ALA A 349 -16.30 2.50 -13.84
C ALA A 349 -15.05 2.68 -14.63
N GLU A 350 -15.01 3.79 -15.35
CA GLU A 350 -13.83 4.12 -16.15
C GLU A 350 -12.58 4.41 -15.28
N SER A 351 -12.82 5.04 -14.14
CA SER A 351 -11.71 5.33 -13.25
C SER A 351 -11.15 4.06 -12.70
N VAL A 352 -12.03 3.13 -12.38
CA VAL A 352 -11.57 1.84 -11.94
C VAL A 352 -10.84 1.11 -13.08
N ALA A 353 -11.40 1.17 -14.29
CA ALA A 353 -10.70 0.59 -15.44
C ALA A 353 -9.28 1.13 -15.59
N VAL A 354 -9.08 2.43 -15.38
CA VAL A 354 -7.76 2.98 -15.41
C VAL A 354 -6.81 2.44 -14.34
N VAL A 355 -7.31 2.39 -13.12
CA VAL A 355 -6.62 1.84 -12.01
C VAL A 355 -6.21 0.43 -12.33
N TRP A 356 -7.13 -0.35 -12.90
CA TRP A 356 -6.77 -1.71 -13.28
C TRP A 356 -5.72 -1.80 -14.34
N GLU A 357 -5.82 -1.03 -15.42
CA GLU A 357 -4.75 -1.03 -16.47
C GLU A 357 -3.39 -0.67 -15.88
N LYS A 358 -3.33 0.32 -15.01
CA LYS A 358 -2.04 0.73 -14.47
C LYS A 358 -1.44 -0.34 -13.64
N THR A 359 -2.27 -1.10 -12.95
CA THR A 359 -1.79 -2.21 -12.17
C THR A 359 -1.34 -3.45 -12.97
N HIS A 360 -2.24 -3.82 -13.89
CA HIS A 360 -2.14 -5.03 -14.75
C HIS A 360 -0.93 -5.00 -15.64
N LYS A 361 -0.57 -3.85 -16.18
CA LYS A 361 0.68 -3.72 -16.97
C LYS A 361 1.58 -2.58 -16.49
N ARG A 362 2.34 -2.84 -15.41
CA ARG A 362 3.19 -1.81 -14.74
C ARG A 362 4.71 -2.07 -14.83
#